data_4IZW
#
_entry.id   4IZW
#
_cell.length_a   75.626
_cell.length_b   114.382
_cell.length_c   64.767
_cell.angle_alpha   90.000
_cell.angle_beta   90.000
_cell.angle_gamma   90.000
#
_symmetry.space_group_name_H-M   'C 2 2 21'
#
loop_
_entity.id
_entity.type
_entity.pdbx_description
1 polymer Amidase
2 non-polymer ACETAMIDE
3 non-polymer 2-fluoroacetamide
4 water water
#
_entity_poly.entity_id   1
_entity_poly.type   'polypeptide(L)'
_entity_poly.pdbx_seq_one_letter_code
;MGSSHHHHHHSSGLVPRGSHMRIALMQHTARPLDPQHNLDLIDDAAARASEQGAQLLLTPLLFGFGYVPSQICAQVSAEQ
VDAARSRLRGIARDRGIALVWSLPGPEGPEQRGITAELADEHGEVLASYQKVQLYGPEEKAAFVPGEQPPPVLSWGGRQL
SLLVCYDVEFPEMVRAAAARGAQLVLVPTALAGDETSVPGILLPARAVENGITLAYANHCGPEGGLVFDGGSVVVGPAGQ
PLGELGVEPGLLVVDLPDQSQDAGSDSADYLQDRRAELHRNWL
;
_entity_poly.pdbx_strand_id   A
#
# COMPACT_ATOMS: atom_id res chain seq x y z
N GLY A 13 0.05 15.33 17.17
CA GLY A 13 -0.16 16.72 17.67
C GLY A 13 -0.67 17.71 16.61
N LEU A 14 -0.42 19.00 16.81
CA LEU A 14 -0.79 19.92 15.70
C LEU A 14 0.14 19.76 14.52
N VAL A 15 -0.37 20.16 13.35
CA VAL A 15 0.39 20.10 12.09
C VAL A 15 1.64 21.03 12.23
N PRO A 16 2.87 20.51 12.05
CA PRO A 16 4.05 21.40 12.26
C PRO A 16 4.26 22.34 11.12
N ARG A 17 4.85 23.54 11.34
CA ARG A 17 5.25 24.23 10.10
C ARG A 17 6.47 23.53 9.56
N GLY A 18 6.60 23.76 8.30
CA GLY A 18 7.56 22.98 7.55
C GLY A 18 7.05 21.56 7.28
N SER A 19 5.74 21.29 7.48
CA SER A 19 5.18 20.06 6.96
C SER A 19 3.85 20.43 6.31
N HIS A 20 3.67 19.94 5.11
CA HIS A 20 2.43 20.21 4.42
C HIS A 20 1.82 18.87 3.95
N MET A 21 2.25 17.72 4.50
CA MET A 21 1.43 16.52 4.21
C MET A 21 1.47 15.61 5.46
N ARG A 22 0.27 15.22 5.87
CA ARG A 22 0.09 14.31 7.00
C ARG A 22 -0.62 13.08 6.43
N ILE A 23 0.00 11.91 6.61
CA ILE A 23 -0.63 10.62 6.15
C ILE A 23 -0.89 9.71 7.30
N ALA A 24 -1.83 8.79 7.07
CA ALA A 24 -2.19 7.84 8.01
C ALA A 24 -2.08 6.45 7.44
N LEU A 25 -1.79 5.47 8.35
CA LEU A 25 -1.75 4.06 7.84
C LEU A 25 -2.64 3.26 8.75
N MET A 26 -3.55 2.46 8.22
CA MET A 26 -4.41 1.60 8.98
C MET A 26 -3.73 0.22 9.12
N GLN A 27 -3.68 -0.22 10.35
CA GLN A 27 -3.22 -1.62 10.64
C GLN A 27 -4.34 -2.30 11.40
N HIS A 28 -4.82 -3.44 10.89
CA HIS A 28 -5.97 -4.11 11.63
C HIS A 28 -6.01 -5.53 11.07
N THR A 29 -6.99 -6.26 11.57
CA THR A 29 -7.17 -7.67 11.25
C THR A 29 -8.45 -7.76 10.43
N ALA A 30 -8.42 -8.38 9.19
CA ALA A 30 -9.65 -8.54 8.41
C ALA A 30 -10.30 -9.89 8.72
N ARG A 31 -11.61 -9.98 8.46
CA ARG A 31 -12.30 -11.28 8.56
C ARG A 31 -12.47 -11.73 7.05
N PRO A 32 -11.81 -12.85 6.68
CA PRO A 32 -11.90 -13.30 5.32
C PRO A 32 -13.32 -13.44 4.78
N LEU A 33 -13.56 -12.95 3.59
CA LEU A 33 -14.80 -13.11 2.88
C LEU A 33 -15.96 -12.37 3.56
N ASP A 34 -15.58 -11.33 4.33
CA ASP A 34 -16.66 -10.53 4.99
C ASP A 34 -16.42 -9.03 4.73
N PRO A 35 -16.70 -8.63 3.53
CA PRO A 35 -16.34 -7.20 3.11
C PRO A 35 -17.21 -6.24 3.96
N GLN A 36 -18.47 -6.61 4.30
CA GLN A 36 -19.24 -5.55 5.08
C GLN A 36 -18.45 -5.27 6.38
N HIS A 37 -17.97 -6.30 7.09
CA HIS A 37 -17.16 -6.06 8.28
C HIS A 37 -15.85 -5.30 7.99
N ASN A 38 -15.11 -5.74 6.95
CA ASN A 38 -13.79 -5.16 6.73
C ASN A 38 -13.91 -3.74 6.24
N LEU A 39 -14.92 -3.48 5.40
CA LEU A 39 -15.08 -2.09 4.92
C LEU A 39 -15.59 -1.20 6.06
N ASP A 40 -16.36 -1.75 7.04
CA ASP A 40 -16.70 -0.91 8.20
C ASP A 40 -15.45 -0.57 8.98
N LEU A 41 -14.45 -1.49 9.07
CA LEU A 41 -13.20 -1.11 9.81
C LEU A 41 -12.43 -0.04 9.00
N ILE A 42 -12.48 -0.12 7.66
CA ILE A 42 -11.75 0.94 6.84
C ILE A 42 -12.52 2.25 6.99
N ASP A 43 -13.85 2.21 7.06
CA ASP A 43 -14.57 3.48 7.25
C ASP A 43 -14.18 4.08 8.64
N ASP A 44 -14.15 3.26 9.72
CA ASP A 44 -13.77 3.79 11.03
C ASP A 44 -12.38 4.37 11.00
N ALA A 45 -11.44 3.71 10.29
CA ALA A 45 -10.06 4.23 10.23
C ALA A 45 -10.00 5.52 9.46
N ALA A 46 -10.76 5.60 8.34
CA ALA A 46 -10.80 6.82 7.54
C ALA A 46 -11.35 7.99 8.37
N ALA A 47 -12.40 7.71 9.14
CA ALA A 47 -12.96 8.80 9.98
C ALA A 47 -11.93 9.26 11.01
N ARG A 48 -11.24 8.31 11.69
CA ARG A 48 -10.22 8.65 12.64
C ARG A 48 -9.01 9.38 12.02
N ALA A 49 -8.58 8.95 10.83
CA ALA A 49 -7.45 9.58 10.18
C ALA A 49 -7.87 11.02 9.79
N SER A 50 -9.09 11.14 9.29
CA SER A 50 -9.58 12.51 8.90
C SER A 50 -9.67 13.43 10.14
N GLU A 51 -10.11 12.90 11.25
CA GLU A 51 -10.21 13.73 12.50
C GLU A 51 -8.83 14.13 13.04
N GLN A 52 -7.76 13.30 12.68
CA GLN A 52 -6.40 13.71 13.05
C GLN A 52 -5.80 14.67 12.00
N GLY A 53 -6.57 15.08 11.01
CA GLY A 53 -6.06 15.99 9.98
C GLY A 53 -5.13 15.33 8.93
N ALA A 54 -5.10 13.99 8.88
CA ALA A 54 -4.45 13.37 7.73
C ALA A 54 -5.17 13.64 6.41
N GLN A 55 -4.41 13.78 5.31
CA GLN A 55 -5.06 14.01 4.00
C GLN A 55 -5.25 12.70 3.23
N LEU A 56 -4.60 11.62 3.70
CA LEU A 56 -4.61 10.36 2.96
C LEU A 56 -4.48 9.22 3.99
N LEU A 57 -5.26 8.18 3.74
CA LEU A 57 -5.18 6.95 4.51
C LEU A 57 -4.75 5.79 3.62
N LEU A 58 -3.65 5.14 4.03
CA LEU A 58 -3.20 3.90 3.28
C LEU A 58 -3.70 2.66 4.02
N THR A 59 -4.28 1.72 3.33
CA THR A 59 -4.85 0.54 4.05
C THR A 59 -4.20 -0.74 3.46
N PRO A 60 -4.33 -1.88 4.16
CA PRO A 60 -3.43 -3.06 3.84
C PRO A 60 -3.91 -3.84 2.57
N LEU A 61 -3.04 -4.78 2.20
CA LEU A 61 -3.30 -5.52 0.91
C LEU A 61 -4.53 -6.43 1.02
N LEU A 62 -5.42 -6.32 0.02
CA LEU A 62 -6.65 -7.15 -0.01
C LEU A 62 -7.49 -7.04 1.22
N PHE A 63 -7.39 -5.89 1.95
CA PHE A 63 -8.11 -5.86 3.23
C PHE A 63 -9.60 -6.07 3.16
N GLY A 64 -10.23 -5.61 2.11
CA GLY A 64 -11.73 -5.64 2.04
C GLY A 64 -12.22 -7.12 2.07
N PHE A 65 -11.49 -8.08 1.47
CA PHE A 65 -11.88 -9.48 1.43
C PHE A 65 -11.08 -10.38 2.34
N GLY A 66 -10.06 -9.82 2.98
CA GLY A 66 -9.09 -10.57 3.78
C GLY A 66 -8.02 -11.06 2.76
N TYR A 67 -6.84 -11.29 3.32
CA TYR A 67 -5.71 -11.82 2.51
C TYR A 67 -5.87 -13.34 2.38
N VAL A 68 -6.73 -13.72 1.43
CA VAL A 68 -7.06 -15.15 1.18
C VAL A 68 -7.09 -15.43 -0.33
N PRO A 69 -5.92 -15.38 -1.02
CA PRO A 69 -5.92 -15.42 -2.51
C PRO A 69 -6.74 -16.59 -3.08
N SER A 70 -6.54 -17.81 -2.55
CA SER A 70 -7.23 -18.96 -3.15
C SER A 70 -8.75 -18.78 -3.07
N GLN A 71 -9.21 -18.24 -1.94
CA GLN A 71 -10.65 -18.13 -1.72
C GLN A 71 -11.28 -16.91 -2.52
N ILE A 72 -10.47 -15.88 -2.79
CA ILE A 72 -10.93 -14.80 -3.63
C ILE A 72 -11.09 -15.35 -5.05
N CYS A 73 -10.12 -16.12 -5.52
CA CYS A 73 -10.21 -16.68 -6.85
C CYS A 73 -11.49 -17.59 -6.92
N ALA A 74 -11.68 -18.38 -5.89
CA ALA A 74 -12.78 -19.41 -5.94
C ALA A 74 -14.14 -18.85 -5.66
N GLN A 75 -14.23 -17.80 -4.86
CA GLN A 75 -15.57 -17.44 -4.36
C GLN A 75 -15.97 -15.99 -4.54
N VAL A 76 -15.04 -15.12 -4.98
CA VAL A 76 -15.43 -13.69 -5.00
C VAL A 76 -15.61 -13.22 -6.48
N SER A 77 -16.85 -12.89 -6.86
CA SER A 77 -17.14 -12.55 -8.23
C SER A 77 -16.66 -11.13 -8.57
N ALA A 78 -16.61 -10.83 -9.88
CA ALA A 78 -16.31 -9.44 -10.35
C ALA A 78 -17.37 -8.50 -9.75
N GLU A 79 -18.65 -8.96 -9.63
CA GLU A 79 -19.70 -8.05 -9.19
CA GLU A 79 -19.71 -8.06 -9.20
C GLU A 79 -19.46 -7.70 -7.70
N GLN A 80 -19.02 -8.67 -6.91
CA GLN A 80 -18.77 -8.44 -5.52
C GLN A 80 -17.53 -7.54 -5.34
N VAL A 81 -16.52 -7.71 -6.21
CA VAL A 81 -15.37 -6.75 -6.13
C VAL A 81 -15.87 -5.35 -6.42
N ASP A 82 -16.67 -5.21 -7.49
CA ASP A 82 -17.10 -3.86 -7.86
C ASP A 82 -17.96 -3.24 -6.72
N ALA A 83 -18.79 -4.04 -6.02
CA ALA A 83 -19.60 -3.51 -4.89
C ALA A 83 -18.63 -2.98 -3.84
N ALA A 84 -17.55 -3.73 -3.56
CA ALA A 84 -16.66 -3.25 -2.49
C ALA A 84 -15.95 -2.02 -2.98
N ARG A 85 -15.52 -1.98 -4.20
CA ARG A 85 -14.80 -0.80 -4.74
C ARG A 85 -15.72 0.45 -4.71
N SER A 86 -17.01 0.24 -4.94
CA SER A 86 -17.97 1.39 -4.90
C SER A 86 -18.10 1.86 -3.47
N ARG A 87 -18.16 0.98 -2.50
CA ARG A 87 -18.27 1.39 -1.13
C ARG A 87 -16.98 2.17 -0.73
N LEU A 88 -15.82 1.70 -1.19
CA LEU A 88 -14.53 2.34 -0.82
C LEU A 88 -14.50 3.78 -1.42
N ARG A 89 -14.99 3.93 -2.63
CA ARG A 89 -15.02 5.28 -3.19
C ARG A 89 -15.97 6.15 -2.30
N GLY A 90 -17.10 5.56 -1.86
CA GLY A 90 -18.01 6.26 -0.94
C GLY A 90 -17.39 6.65 0.38
N ILE A 91 -16.54 5.76 0.94
CA ILE A 91 -15.90 6.09 2.20
C ILE A 91 -14.94 7.30 1.97
N ALA A 92 -14.08 7.30 0.93
CA ALA A 92 -13.15 8.44 0.67
C ALA A 92 -14.03 9.72 0.62
N ARG A 93 -15.15 9.62 -0.10
CA ARG A 93 -16.05 10.89 -0.33
C ARG A 93 -16.67 11.26 1.05
N ASP A 94 -17.28 10.29 1.74
CA ASP A 94 -18.03 10.62 2.98
C ASP A 94 -17.17 11.00 4.19
N ARG A 95 -15.92 10.49 4.20
CA ARG A 95 -15.00 10.84 5.34
C ARG A 95 -14.06 11.94 4.92
N GLY A 96 -14.12 12.36 3.64
CA GLY A 96 -13.35 13.58 3.17
C GLY A 96 -11.85 13.38 3.24
N ILE A 97 -11.39 12.20 2.79
CA ILE A 97 -9.94 11.93 2.90
C ILE A 97 -9.52 11.02 1.68
N ALA A 98 -8.37 11.22 1.12
CA ALA A 98 -7.87 10.34 0.08
C ALA A 98 -7.61 8.97 0.67
N LEU A 99 -7.80 7.94 -0.13
CA LEU A 99 -7.68 6.57 0.39
C LEU A 99 -6.89 5.75 -0.59
N VAL A 100 -5.96 4.94 -0.11
CA VAL A 100 -5.34 3.95 -0.98
C VAL A 100 -5.75 2.55 -0.43
N TRP A 101 -6.37 1.80 -1.31
CA TRP A 101 -6.84 0.46 -1.00
C TRP A 101 -6.31 -0.52 -2.00
N SER A 102 -6.53 -1.78 -1.68
CA SER A 102 -6.03 -2.86 -2.57
C SER A 102 -7.12 -3.96 -2.65
N LEU A 103 -7.58 -4.18 -3.87
CA LEU A 103 -8.65 -5.20 -4.09
C LEU A 103 -8.16 -6.05 -5.29
N PRO A 104 -8.84 -7.19 -5.53
CA PRO A 104 -8.70 -7.82 -6.86
C PRO A 104 -9.03 -6.79 -7.94
N GLY A 105 -8.43 -6.96 -9.10
CA GLY A 105 -8.70 -6.23 -10.33
C GLY A 105 -10.17 -6.44 -10.74
N PRO A 106 -10.54 -5.68 -11.73
CA PRO A 106 -12.05 -5.58 -12.09
C PRO A 106 -12.50 -6.68 -13.03
N GLU A 107 -11.57 -7.41 -13.66
CA GLU A 107 -11.89 -8.40 -14.68
C GLU A 107 -12.49 -9.64 -14.02
N GLY A 108 -12.87 -10.66 -14.82
CA GLY A 108 -13.36 -11.85 -14.16
C GLY A 108 -12.30 -12.52 -13.29
N PRO A 109 -12.73 -13.42 -12.44
CA PRO A 109 -11.81 -14.15 -11.55
C PRO A 109 -10.62 -14.83 -12.24
N GLU A 110 -10.75 -15.27 -13.51
CA GLU A 110 -9.68 -15.96 -14.19
C GLU A 110 -8.74 -14.95 -14.94
N GLN A 111 -9.02 -13.63 -14.89
CA GLN A 111 -8.17 -12.79 -15.69
C GLN A 111 -7.65 -11.59 -14.86
N ARG A 112 -8.13 -11.44 -13.65
CA ARG A 112 -7.75 -10.21 -12.85
C ARG A 112 -6.46 -10.42 -11.98
N GLY A 113 -5.82 -9.29 -11.65
CA GLY A 113 -4.70 -9.38 -10.79
C GLY A 113 -5.07 -8.79 -9.41
N ILE A 114 -4.01 -8.42 -8.65
CA ILE A 114 -4.23 -7.70 -7.33
C ILE A 114 -3.89 -6.24 -7.72
N THR A 115 -4.74 -5.33 -7.29
CA THR A 115 -4.43 -3.93 -7.66
C THR A 115 -4.31 -3.12 -6.41
N ALA A 116 -3.75 -1.88 -6.60
CA ALA A 116 -3.81 -0.89 -5.48
C ALA A 116 -4.36 0.34 -6.21
N GLU A 117 -5.17 1.09 -5.53
CA GLU A 117 -5.77 2.28 -6.20
C GLU A 117 -5.77 3.43 -5.17
N LEU A 118 -5.55 4.64 -5.72
CA LEU A 118 -5.60 5.86 -4.86
C LEU A 118 -6.83 6.71 -5.30
N ALA A 119 -7.76 6.93 -4.41
CA ALA A 119 -8.92 7.84 -4.67
C ALA A 119 -8.74 9.06 -3.85
N ASP A 120 -9.22 10.19 -4.43
CA ASP A 120 -9.13 11.43 -3.73
C ASP A 120 -10.32 11.58 -2.78
N GLU A 121 -10.34 12.73 -2.10
CA GLU A 121 -11.48 13.06 -1.21
C GLU A 121 -12.86 13.27 -1.86
N HIS A 122 -12.94 13.23 -3.20
CA HIS A 122 -14.20 13.09 -3.91
C HIS A 122 -14.61 11.69 -4.25
N GLY A 123 -13.77 10.70 -3.84
CA GLY A 123 -14.05 9.30 -4.23
C GLY A 123 -13.74 8.95 -5.67
N GLU A 124 -12.93 9.76 -6.30
CA GLU A 124 -12.56 9.50 -7.71
C GLU A 124 -11.15 8.89 -7.71
N VAL A 125 -11.00 7.86 -8.52
CA VAL A 125 -9.73 7.08 -8.56
C VAL A 125 -8.76 7.89 -9.47
N LEU A 126 -7.62 8.29 -8.86
CA LEU A 126 -6.61 9.01 -9.61
C LEU A 126 -5.52 8.15 -10.21
N ALA A 127 -5.24 7.04 -9.58
CA ALA A 127 -4.18 6.16 -10.10
C ALA A 127 -4.51 4.72 -9.68
N SER A 128 -4.09 3.77 -10.53
CA SER A 128 -4.32 2.36 -10.19
C SER A 128 -3.04 1.59 -10.65
N TYR A 129 -2.78 0.47 -10.04
CA TYR A 129 -1.57 -0.24 -10.31
C TYR A 129 -1.87 -1.74 -10.04
N GLN A 130 -1.40 -2.62 -10.96
CA GLN A 130 -1.61 -4.06 -10.81
C GLN A 130 -0.24 -4.69 -10.40
N LYS A 131 -0.28 -5.38 -9.25
CA LYS A 131 0.86 -5.97 -8.65
C LYS A 131 1.69 -6.80 -9.68
N VAL A 132 2.97 -6.46 -9.79
CA VAL A 132 3.80 -7.11 -10.83
C VAL A 132 4.45 -8.43 -10.30
N GLN A 133 4.83 -8.39 -9.05
CA GLN A 133 5.52 -9.55 -8.38
C GLN A 133 4.55 -10.26 -7.46
N LEU A 134 3.97 -11.36 -8.01
CA LEU A 134 3.11 -12.17 -7.13
C LEU A 134 3.97 -13.09 -6.23
N TYR A 135 3.50 -13.35 -4.98
CA TYR A 135 4.27 -14.05 -4.00
C TYR A 135 3.65 -15.44 -3.68
N GLY A 136 4.38 -16.50 -4.03
CA GLY A 136 4.06 -17.86 -3.53
C GLY A 136 3.01 -18.46 -4.45
N PRO A 137 2.80 -19.77 -4.26
CA PRO A 137 2.00 -20.50 -5.26
C PRO A 137 0.49 -20.14 -5.18
N GLU A 138 0.03 -19.71 -4.01
CA GLU A 138 -1.37 -19.36 -3.92
C GLU A 138 -1.70 -18.07 -4.67
N GLU A 139 -0.87 -17.00 -4.47
CA GLU A 139 -1.14 -15.82 -5.24
C GLU A 139 -0.98 -16.07 -6.72
N LYS A 140 0.07 -16.83 -7.06
CA LYS A 140 0.32 -17.08 -8.40
C LYS A 140 -0.80 -17.88 -9.10
N ALA A 141 -1.49 -18.71 -8.38
CA ALA A 141 -2.61 -19.48 -8.95
C ALA A 141 -3.83 -18.64 -8.99
N ALA A 142 -3.96 -17.57 -8.17
CA ALA A 142 -5.26 -16.90 -8.01
C ALA A 142 -5.33 -15.64 -8.85
N PHE A 143 -4.17 -15.11 -9.32
CA PHE A 143 -4.15 -13.78 -9.92
C PHE A 143 -3.18 -13.76 -11.12
N VAL A 144 -3.41 -12.80 -12.01
CA VAL A 144 -2.54 -12.57 -13.16
C VAL A 144 -1.60 -11.42 -12.74
N PRO A 145 -0.31 -11.62 -12.95
CA PRO A 145 0.63 -10.54 -12.64
C PRO A 145 0.44 -9.30 -13.58
N GLY A 146 0.71 -8.12 -13.05
CA GLY A 146 0.76 -6.91 -13.81
C GLY A 146 2.00 -6.86 -14.74
N GLU A 147 1.84 -6.00 -15.75
CA GLU A 147 2.85 -5.86 -16.77
C GLU A 147 3.27 -4.40 -16.94
N GLN A 148 2.82 -3.53 -16.00
CA GLN A 148 3.04 -2.09 -16.19
C GLN A 148 3.88 -1.57 -15.07
N PRO A 149 4.70 -0.57 -15.31
CA PRO A 149 5.45 0.01 -14.25
C PRO A 149 4.57 0.80 -13.27
N PRO A 150 5.08 1.06 -12.06
CA PRO A 150 4.26 1.78 -11.08
C PRO A 150 3.96 3.24 -11.55
N PRO A 151 2.80 3.71 -11.20
CA PRO A 151 2.39 5.04 -11.65
C PRO A 151 3.00 6.05 -10.73
N VAL A 152 3.19 7.30 -11.19
CA VAL A 152 3.64 8.34 -10.30
C VAL A 152 2.75 9.53 -10.53
N LEU A 153 2.34 10.23 -9.51
CA LEU A 153 1.42 11.38 -9.76
C LEU A 153 1.61 12.40 -8.70
N SER A 154 1.36 13.68 -9.08
CA SER A 154 1.49 14.75 -8.08
C SER A 154 0.20 14.78 -7.23
N TRP A 155 0.36 14.85 -5.89
CA TRP A 155 -0.84 14.94 -5.04
C TRP A 155 -0.37 15.43 -3.74
N GLY A 156 -1.07 16.45 -3.21
CA GLY A 156 -0.63 16.87 -1.88
C GLY A 156 0.70 17.60 -1.84
N GLY A 157 1.22 18.03 -3.01
CA GLY A 157 2.54 18.67 -3.07
C GLY A 157 3.76 17.75 -3.21
N ARG A 158 3.54 16.44 -3.42
CA ARG A 158 4.74 15.65 -3.83
C ARG A 158 4.34 14.54 -4.79
N GLN A 159 5.32 13.80 -5.35
CA GLN A 159 5.01 12.78 -6.40
C GLN A 159 4.85 11.41 -5.61
N LEU A 160 3.63 10.95 -5.65
CA LEU A 160 3.24 9.69 -4.97
C LEU A 160 3.32 8.59 -5.95
N SER A 161 3.59 7.34 -5.41
CA SER A 161 3.56 6.19 -6.30
C SER A 161 2.96 5.04 -5.51
N LEU A 162 2.62 3.94 -6.18
CA LEU A 162 1.97 2.76 -5.54
C LEU A 162 2.81 1.50 -5.86
N LEU A 163 3.03 0.67 -4.89
CA LEU A 163 3.58 -0.67 -5.09
C LEU A 163 2.86 -1.56 -4.05
N VAL A 164 2.97 -2.89 -4.19
CA VAL A 164 2.23 -3.74 -3.28
C VAL A 164 3.09 -4.90 -2.77
N CYS A 165 3.11 -5.01 -1.45
CA CYS A 165 3.79 -6.07 -0.60
C CYS A 165 5.07 -6.54 -1.32
N TYR A 166 5.13 -7.81 -1.83
CA TYR A 166 6.38 -8.35 -2.29
C TYR A 166 7.12 -7.46 -3.34
N ASP A 167 6.37 -6.68 -4.13
CA ASP A 167 7.02 -5.77 -5.09
C ASP A 167 8.14 -4.96 -4.45
N VAL A 168 7.93 -4.40 -3.23
CA VAL A 168 8.91 -3.50 -2.65
C VAL A 168 10.21 -4.23 -2.26
N GLU A 169 10.14 -5.55 -2.19
CA GLU A 169 11.33 -6.32 -1.86
C GLU A 169 12.28 -6.46 -3.02
N PHE A 170 11.82 -6.10 -4.22
CA PHE A 170 12.71 -6.10 -5.42
C PHE A 170 13.22 -4.69 -5.60
N PRO A 171 14.51 -4.51 -5.54
CA PRO A 171 14.97 -3.11 -5.66
C PRO A 171 14.56 -2.56 -7.05
N GLU A 172 14.47 -3.41 -8.09
CA GLU A 172 14.10 -2.91 -9.41
C GLU A 172 12.73 -2.21 -9.40
N MET A 173 11.82 -2.70 -8.54
CA MET A 173 10.44 -2.13 -8.59
C MET A 173 10.45 -0.76 -7.98
N VAL A 174 11.18 -0.55 -6.89
CA VAL A 174 11.18 0.76 -6.26
C VAL A 174 12.04 1.71 -7.17
N ARG A 175 13.14 1.21 -7.75
CA ARG A 175 13.98 2.06 -8.65
C ARG A 175 13.03 2.48 -9.82
N ALA A 176 12.15 1.58 -10.33
CA ALA A 176 11.27 2.00 -11.43
C ALA A 176 10.39 3.17 -11.02
N ALA A 177 9.87 3.12 -9.79
CA ALA A 177 9.00 4.25 -9.32
C ALA A 177 9.88 5.55 -9.19
N ALA A 178 11.04 5.42 -8.53
CA ALA A 178 11.89 6.60 -8.28
C ALA A 178 12.42 7.17 -9.55
N ALA A 179 12.62 6.34 -10.58
CA ALA A 179 13.09 6.84 -11.92
C ALA A 179 12.06 7.64 -12.66
N ARG A 180 10.80 7.39 -12.37
CA ARG A 180 9.65 8.18 -12.92
C ARG A 180 9.33 9.40 -11.97
N GLY A 181 10.16 9.67 -10.97
CA GLY A 181 9.97 10.83 -10.06
C GLY A 181 9.32 10.64 -8.74
N ALA A 182 9.03 9.39 -8.36
CA ALA A 182 8.39 9.19 -7.04
C ALA A 182 9.19 9.69 -5.91
N GLN A 183 8.48 10.34 -4.95
CA GLN A 183 9.07 10.79 -3.73
C GLN A 183 8.49 10.00 -2.51
N LEU A 184 7.22 9.56 -2.65
CA LEU A 184 6.55 8.89 -1.53
C LEU A 184 5.89 7.64 -2.18
N VAL A 185 6.31 6.47 -1.73
CA VAL A 185 5.81 5.24 -2.29
C VAL A 185 4.90 4.62 -1.24
N LEU A 186 3.65 4.34 -1.64
CA LEU A 186 2.60 3.89 -0.70
C LEU A 186 2.46 2.40 -0.99
N VAL A 187 2.43 1.59 0.07
CA VAL A 187 2.56 0.14 -0.15
C VAL A 187 1.58 -0.59 0.85
N PRO A 188 0.40 -0.95 0.35
CA PRO A 188 -0.46 -1.91 1.12
C PRO A 188 0.31 -3.24 1.25
N THR A 189 0.30 -3.86 2.42
CA THR A 189 1.07 -5.10 2.55
C THR A 189 0.28 -6.18 3.38
N ALA A 190 0.81 -7.39 3.36
CA ALA A 190 0.24 -8.48 4.17
C ALA A 190 1.41 -9.36 4.46
N LEU A 191 2.05 -9.10 5.52
CA LEU A 191 3.33 -9.76 5.89
C LEU A 191 3.10 -10.48 7.21
N ALA A 192 3.32 -11.81 7.16
CA ALA A 192 3.19 -12.66 8.38
C ALA A 192 4.47 -13.46 8.56
N GLY A 193 4.53 -14.17 9.67
CA GLY A 193 5.69 -15.12 9.81
C GLY A 193 6.84 -14.54 10.52
N ASP A 194 6.65 -13.38 11.16
CA ASP A 194 7.75 -12.69 11.86
C ASP A 194 8.93 -12.37 10.94
N GLU A 195 8.54 -11.88 9.76
CA GLU A 195 9.48 -11.61 8.71
C GLU A 195 10.16 -10.27 8.97
N THR A 196 10.98 -10.22 10.05
CA THR A 196 11.60 -8.94 10.47
C THR A 196 12.55 -8.29 9.44
N SER A 197 13.11 -9.08 8.48
CA SER A 197 14.07 -8.51 7.54
C SER A 197 13.41 -7.62 6.51
N VAL A 198 12.07 -7.75 6.25
CA VAL A 198 11.48 -6.82 5.25
C VAL A 198 11.43 -5.40 5.85
N PRO A 199 10.70 -5.14 6.97
CA PRO A 199 10.74 -3.71 7.48
C PRO A 199 12.09 -3.34 8.11
N GLY A 200 12.83 -4.33 8.62
CA GLY A 200 14.02 -3.98 9.40
C GLY A 200 15.25 -3.73 8.44
N ILE A 201 15.28 -4.48 7.37
CA ILE A 201 16.43 -4.38 6.39
C ILE A 201 16.06 -3.86 4.99
N LEU A 202 15.09 -4.54 4.32
CA LEU A 202 14.80 -4.10 2.99
C LEU A 202 14.16 -2.76 2.80
N LEU A 203 13.10 -2.46 3.57
CA LEU A 203 12.43 -1.13 3.41
CA LEU A 203 12.45 -1.13 3.38
C LEU A 203 13.40 0.03 3.63
N PRO A 204 14.28 -0.07 4.71
CA PRO A 204 15.17 1.11 4.85
C PRO A 204 16.13 1.26 3.70
N ALA A 205 16.57 0.10 3.15
CA ALA A 205 17.45 0.18 1.97
C ALA A 205 16.77 0.78 0.75
N ARG A 206 15.49 0.37 0.49
CA ARG A 206 14.76 0.95 -0.66
C ARG A 206 14.67 2.50 -0.49
N ALA A 207 14.46 2.96 0.76
CA ALA A 207 14.33 4.46 1.03
C ALA A 207 15.71 5.11 0.73
N VAL A 208 16.77 4.53 1.29
CA VAL A 208 18.11 5.18 1.18
C VAL A 208 18.63 5.12 -0.26
N GLU A 209 18.44 3.96 -0.93
CA GLU A 209 19.09 3.79 -2.28
C GLU A 209 18.36 4.63 -3.34
N ASN A 210 17.13 5.14 -3.07
CA ASN A 210 16.47 6.04 -3.97
C ASN A 210 16.25 7.44 -3.50
N GLY A 211 16.53 7.68 -2.20
CA GLY A 211 16.20 8.97 -1.53
C GLY A 211 14.76 9.24 -1.49
N ILE A 212 13.98 8.23 -1.02
CA ILE A 212 12.53 8.39 -1.03
C ILE A 212 11.99 8.03 0.35
N THR A 213 10.69 8.31 0.55
CA THR A 213 10.01 7.86 1.76
C THR A 213 9.04 6.73 1.34
N LEU A 214 8.89 5.71 2.19
CA LEU A 214 8.00 4.57 1.84
C LEU A 214 7.08 4.39 3.01
N ALA A 215 5.80 4.14 2.75
CA ALA A 215 4.83 3.87 3.79
C ALA A 215 4.33 2.47 3.55
N TYR A 216 4.28 1.67 4.60
CA TYR A 216 4.02 0.22 4.52
C TYR A 216 2.93 -0.08 5.49
N ALA A 217 1.69 -0.46 5.04
CA ALA A 217 0.54 -0.63 5.91
C ALA A 217 0.17 -2.09 5.93
N ASN A 218 0.36 -2.73 7.08
CA ASN A 218 0.20 -4.19 7.15
C ASN A 218 -1.08 -4.57 7.88
N HIS A 219 -1.56 -5.80 7.67
CA HIS A 219 -2.47 -6.44 8.58
C HIS A 219 -1.72 -6.74 9.89
N CYS A 220 -2.54 -7.10 10.91
CA CYS A 220 -1.95 -7.70 12.15
C CYS A 220 -2.90 -8.75 12.61
N GLY A 221 -2.42 -9.67 13.43
CA GLY A 221 -3.44 -10.54 14.09
C GLY A 221 -3.79 -11.77 13.27
N PRO A 222 -4.74 -12.52 13.78
CA PRO A 222 -5.04 -13.83 13.20
C PRO A 222 -6.03 -13.64 12.04
N GLU A 223 -5.63 -14.07 10.82
CA GLU A 223 -6.42 -13.86 9.65
C GLU A 223 -6.00 -14.90 8.58
N GLY A 224 -6.97 -15.66 8.02
CA GLY A 224 -6.66 -16.38 6.80
C GLY A 224 -5.65 -17.49 6.96
N GLY A 225 -5.55 -18.04 8.17
CA GLY A 225 -4.59 -19.14 8.35
C GLY A 225 -3.18 -18.67 8.71
N LEU A 226 -3.07 -17.38 8.96
CA LEU A 226 -1.77 -16.71 9.29
C LEU A 226 -1.98 -15.80 10.46
N VAL A 227 -0.86 -15.48 11.15
CA VAL A 227 -0.96 -14.38 12.11
C VAL A 227 -0.04 -13.28 11.51
N PHE A 228 -0.67 -12.14 11.16
CA PHE A 228 0.11 -11.06 10.59
C PHE A 228 0.94 -10.29 11.52
N ASP A 229 2.07 -9.78 11.03
CA ASP A 229 3.11 -9.19 11.91
C ASP A 229 2.81 -7.78 12.48
N GLY A 230 1.82 -7.05 11.89
CA GLY A 230 1.74 -5.61 12.16
C GLY A 230 3.10 -5.03 11.75
N GLY A 231 3.62 -4.08 12.55
CA GLY A 231 4.86 -3.47 12.24
C GLY A 231 4.74 -2.45 11.07
N SER A 232 3.52 -1.87 10.87
CA SER A 232 3.39 -0.84 9.82
C SER A 232 4.32 0.32 10.11
N VAL A 233 4.87 0.90 9.07
CA VAL A 233 5.97 1.85 9.30
C VAL A 233 6.02 2.82 8.17
N VAL A 234 6.54 4.05 8.48
CA VAL A 234 6.90 5.03 7.41
C VAL A 234 8.39 5.23 7.61
N VAL A 235 9.17 5.00 6.54
CA VAL A 235 10.63 5.15 6.56
C VAL A 235 11.02 6.31 5.67
N GLY A 236 11.85 7.21 6.21
CA GLY A 236 12.26 8.35 5.39
C GLY A 236 13.54 8.04 4.61
N PRO A 237 14.03 9.06 3.86
CA PRO A 237 15.14 8.84 2.97
C PRO A 237 16.46 8.52 3.56
N ALA A 238 16.64 8.70 4.87
CA ALA A 238 17.89 8.23 5.58
C ALA A 238 17.72 6.85 6.11
N GLY A 239 16.54 6.24 5.78
CA GLY A 239 16.27 4.88 6.28
C GLY A 239 15.72 4.78 7.70
N GLN A 240 15.31 5.91 8.29
CA GLN A 240 14.90 5.87 9.70
CA GLN A 240 14.92 5.99 9.68
C GLN A 240 13.40 5.92 9.79
N PRO A 241 12.84 5.27 10.82
CA PRO A 241 11.37 5.28 10.91
C PRO A 241 10.86 6.65 11.36
N LEU A 242 9.95 7.19 10.57
CA LEU A 242 9.23 8.42 10.95
C LEU A 242 8.15 8.04 12.00
N GLY A 243 7.67 6.83 11.92
CA GLY A 243 6.67 6.38 12.88
C GLY A 243 6.51 4.84 12.64
N GLU A 244 6.02 4.13 13.64
CA GLU A 244 5.98 2.67 13.52
C GLU A 244 4.96 2.13 14.51
N LEU A 245 4.21 1.10 14.08
CA LEU A 245 3.32 0.39 15.00
C LEU A 245 3.91 -0.89 15.48
N GLY A 246 3.29 -1.37 16.60
CA GLY A 246 3.58 -2.73 17.11
C GLY A 246 2.70 -3.80 16.42
N VAL A 247 2.31 -4.81 17.24
CA VAL A 247 1.62 -5.99 16.68
C VAL A 247 0.14 -5.91 16.73
N GLU A 248 -0.41 -4.81 17.26
CA GLU A 248 -1.85 -4.78 17.55
C GLU A 248 -2.51 -3.76 16.62
N PRO A 249 -3.82 -3.80 16.52
CA PRO A 249 -4.50 -2.85 15.58
C PRO A 249 -4.18 -1.39 15.97
N GLY A 250 -3.96 -0.53 14.99
CA GLY A 250 -3.67 0.87 15.34
C GLY A 250 -3.71 1.71 14.08
N LEU A 251 -3.57 3.03 14.32
CA LEU A 251 -3.62 3.96 13.19
C LEU A 251 -2.38 4.84 13.38
N LEU A 252 -1.46 4.75 12.40
CA LEU A 252 -0.22 5.48 12.52
C LEU A 252 -0.36 6.78 11.74
N VAL A 253 -0.10 7.93 12.39
CA VAL A 253 -0.29 9.22 11.68
C VAL A 253 1.03 9.97 11.71
N VAL A 254 1.60 10.31 10.57
CA VAL A 254 2.89 10.90 10.55
C VAL A 254 2.86 12.15 9.67
N ASP A 255 3.66 13.15 10.07
CA ASP A 255 3.82 14.31 9.23
C ASP A 255 5.10 14.11 8.41
N LEU A 256 5.02 14.39 7.15
CA LEU A 256 6.18 14.32 6.26
C LEU A 256 6.87 15.67 6.18
N PRO A 257 8.16 15.68 6.49
CA PRO A 257 8.85 17.04 6.43
C PRO A 257 8.99 17.54 4.99
N ASP A 258 8.96 18.85 4.83
CA ASP A 258 9.06 19.54 3.49
C ASP A 258 10.30 19.17 2.69
N ALA A 268 25.09 10.53 -1.53
CA ALA A 268 25.35 10.04 -2.92
C ALA A 268 24.10 10.27 -3.80
N ASP A 269 24.31 10.52 -5.09
CA ASP A 269 23.15 10.71 -5.96
C ASP A 269 22.99 9.43 -6.87
N TYR A 270 22.43 8.44 -6.24
CA TYR A 270 22.28 7.16 -6.89
C TYR A 270 21.47 7.26 -8.15
N LEU A 271 20.37 8.06 -8.09
CA LEU A 271 19.47 7.96 -9.24
C LEU A 271 20.16 8.59 -10.45
N GLN A 272 21.07 9.57 -10.26
CA GLN A 272 21.80 10.12 -11.42
C GLN A 272 23.06 9.34 -11.81
N ASP A 273 23.78 8.80 -10.82
CA ASP A 273 25.03 8.10 -11.13
C ASP A 273 24.83 6.72 -11.73
N ARG A 274 23.68 6.04 -11.40
CA ARG A 274 23.53 4.68 -11.84
C ARG A 274 23.76 4.58 -13.37
N ARG A 275 24.51 3.58 -13.75
CA ARG A 275 24.72 3.41 -15.19
C ARG A 275 23.58 2.57 -15.80
N ALA A 276 22.40 3.17 -15.95
CA ALA A 276 21.22 2.39 -16.30
C ALA A 276 21.26 1.61 -17.61
N GLU A 277 21.91 2.21 -18.63
CA GLU A 277 22.09 1.53 -19.90
C GLU A 277 22.90 0.25 -19.80
N LEU A 278 23.86 0.19 -18.87
CA LEU A 278 24.59 -1.07 -18.68
C LEU A 278 23.73 -2.00 -17.80
N HIS A 279 23.20 -1.43 -16.71
CA HIS A 279 22.38 -2.22 -15.75
C HIS A 279 21.23 -2.96 -16.40
N ARG A 280 20.57 -2.31 -17.37
CA ARG A 280 19.42 -2.99 -18.02
C ARG A 280 19.91 -4.14 -18.87
N ASN A 281 21.16 -4.16 -19.31
CA ASN A 281 21.63 -5.32 -20.05
C ASN A 281 22.17 -6.41 -19.17
N TRP A 282 22.29 -6.16 -17.87
CA TRP A 282 22.93 -7.15 -16.95
C TRP A 282 21.96 -7.87 -16.03
N LEU A 283 20.72 -7.43 -15.98
CA LEU A 283 19.74 -8.10 -15.15
C LEU A 283 19.36 -9.42 -15.80
#